data_1A8T
#
_entry.id   1A8T
#
_cell.length_a   71.360
_cell.length_b   170.230
_cell.length_c   40.660
_cell.angle_alpha   90.00
_cell.angle_beta   90.00
_cell.angle_gamma   90.00
#
_symmetry.space_group_name_H-M   'P 21 21 21'
#
loop_
_entity.id
_entity.type
_entity.pdbx_description
1 polymer METALLO-BETA-LACTAMASE
2 non-polymer 'ZINC ION'
3 non-polymer "2-BUTYL-6-HYDROXY-3-[2'-(1H-TETRAZOL-5-YL)-BIPHENYL-4-YLMETHYL]-3H-QUINAZOLIN-4-ONE"
4 water water
#
_entity_poly.entity_id   1
_entity_poly.type   'polypeptide(L)'
_entity_poly.pdbx_seq_one_letter_code
;AQKSVKISDDISITQLSDKVYTYVSLAEIEGWGMVPSNGMIVINNHQAALLDTPINDAQTEMLVNWVTDSLHAKVTTFIP
NHWHGDCIGGLGYLQRKGVQSYANQMTIDLAKEKGLPVPEHGFTDSLTVSLDGMPLQCYYLGGGHATDNIVVWLPTENIL
FGGCMLKDNQTTSIGNISDADVTAWPKTLDKVKAKFPSARYVVPGHGNYGGTELIEHTKQIVNQYIESTSKP
;
_entity_poly.pdbx_strand_id   A,B
#
loop_
_chem_comp.id
_chem_comp.type
_chem_comp.name
_chem_comp.formula
061 non-polymer 2-BUTYL-6-HYDROXY-3-[2'-(1H-TETRAZOL-5-YL)-BIPHENYL-4-YLMETHYL]-3H-QUINAZOLIN-4-ONE 'C26 H24 N6 O2'
ZN non-polymer 'ZINC ION' 'Zn 2'
#
# COMPACT_ATOMS: atom_id res chain seq x y z
N ALA A 1 -26.41 -27.06 2.61
CA ALA A 1 -26.70 -26.85 1.15
C ALA A 1 -26.70 -25.37 0.78
N GLN A 2 -26.16 -25.08 -0.42
CA GLN A 2 -26.16 -23.66 -0.82
C GLN A 2 -26.02 -23.53 -2.33
N LYS A 3 -26.98 -22.74 -2.86
CA LYS A 3 -27.18 -22.45 -4.23
C LYS A 3 -25.97 -22.50 -5.14
N SER A 4 -26.06 -23.28 -6.20
CA SER A 4 -24.95 -23.36 -7.16
C SER A 4 -25.51 -22.96 -8.52
N VAL A 5 -25.21 -21.73 -8.91
CA VAL A 5 -25.65 -21.19 -10.19
C VAL A 5 -24.52 -21.05 -11.21
N LYS A 6 -24.84 -21.35 -12.47
CA LYS A 6 -23.88 -21.32 -13.56
C LYS A 6 -24.09 -20.09 -14.45
N ILE A 7 -23.09 -19.23 -14.52
CA ILE A 7 -23.14 -18.00 -15.30
C ILE A 7 -22.90 -18.27 -16.78
N SER A 8 -21.92 -19.12 -17.01
CA SER A 8 -21.42 -19.57 -18.31
C SER A 8 -21.68 -21.07 -18.23
N ASP A 9 -20.68 -21.86 -18.50
CA ASP A 9 -20.74 -23.31 -18.35
C ASP A 9 -19.53 -23.58 -17.43
N ASP A 10 -18.42 -22.96 -17.85
CA ASP A 10 -17.18 -23.05 -17.12
C ASP A 10 -17.03 -21.89 -16.13
N ILE A 11 -18.12 -21.44 -15.54
CA ILE A 11 -18.12 -20.36 -14.54
C ILE A 11 -19.34 -20.48 -13.63
N SER A 12 -19.13 -20.77 -12.35
CA SER A 12 -20.13 -20.94 -11.32
C SER A 12 -20.12 -20.00 -10.13
N ILE A 13 -21.30 -19.57 -9.66
CA ILE A 13 -21.29 -18.73 -8.45
C ILE A 13 -21.94 -19.64 -7.40
N THR A 14 -21.74 -19.40 -6.16
CA THR A 14 -22.26 -20.07 -4.99
C THR A 14 -22.42 -18.96 -3.90
N GLN A 15 -23.68 -18.66 -3.59
CA GLN A 15 -23.99 -17.63 -2.63
C GLN A 15 -23.92 -18.02 -1.17
N LEU A 16 -22.88 -17.52 -0.45
CA LEU A 16 -22.79 -17.88 0.98
C LEU A 16 -23.44 -16.87 1.89
N SER A 17 -23.89 -15.74 1.31
CA SER A 17 -24.53 -14.76 2.18
C SER A 17 -25.28 -13.71 1.39
N ASP A 18 -25.87 -12.81 2.13
CA ASP A 18 -26.61 -11.66 1.66
C ASP A 18 -25.68 -10.68 0.89
N LYS A 19 -24.43 -10.61 1.38
CA LYS A 19 -23.50 -9.71 0.76
C LYS A 19 -22.25 -10.40 0.25
N VAL A 20 -22.35 -11.74 0.08
CA VAL A 20 -21.12 -12.45 -0.35
C VAL A 20 -21.42 -13.71 -1.12
N TYR A 21 -20.97 -13.81 -2.33
CA TYR A 21 -21.09 -14.97 -3.20
C TYR A 21 -19.63 -15.37 -3.53
N THR A 22 -19.44 -16.63 -3.87
CA THR A 22 -18.15 -17.20 -4.22
C THR A 22 -18.26 -17.92 -5.57
N TYR A 23 -17.35 -17.78 -6.49
CA TYR A 23 -17.49 -18.58 -7.72
C TYR A 23 -16.19 -19.35 -7.90
N VAL A 24 -16.15 -20.30 -8.81
CA VAL A 24 -15.07 -21.10 -9.25
C VAL A 24 -15.07 -20.92 -10.81
N SER A 25 -14.01 -20.53 -11.43
CA SER A 25 -13.86 -20.35 -12.83
C SER A 25 -12.91 -21.42 -13.40
N LEU A 26 -13.41 -22.38 -14.14
CA LEU A 26 -12.47 -23.38 -14.71
C LEU A 26 -11.98 -22.68 -15.99
N ALA A 27 -10.69 -22.72 -16.18
CA ALA A 27 -10.05 -22.14 -17.34
C ALA A 27 -8.78 -22.96 -17.57
N GLU A 28 -8.06 -22.68 -18.64
CA GLU A 28 -6.83 -23.48 -18.78
C GLU A 28 -5.64 -22.63 -18.38
N ILE A 29 -5.07 -23.00 -17.21
CA ILE A 29 -3.86 -22.32 -16.72
C ILE A 29 -2.70 -23.14 -17.34
N GLU A 30 -2.01 -22.55 -18.29
CA GLU A 30 -0.95 -23.25 -19.01
C GLU A 30 0.09 -24.04 -18.27
N GLY A 31 0.16 -25.31 -18.59
CA GLY A 31 1.15 -26.23 -17.98
C GLY A 31 0.52 -27.33 -17.16
N TRP A 32 -0.72 -27.17 -16.72
CA TRP A 32 -1.44 -28.11 -15.90
C TRP A 32 -2.77 -28.62 -16.43
N GLY A 33 -3.30 -28.17 -17.54
CA GLY A 33 -4.59 -28.59 -18.03
C GLY A 33 -5.69 -27.75 -17.37
N MET A 34 -6.86 -28.32 -17.17
CA MET A 34 -7.97 -27.63 -16.59
C MET A 34 -8.16 -27.59 -15.09
N VAL A 35 -7.89 -26.38 -14.61
CA VAL A 35 -7.95 -26.03 -13.23
C VAL A 35 -9.15 -25.17 -12.84
N PRO A 36 -9.78 -25.50 -11.75
CA PRO A 36 -10.88 -24.78 -11.17
C PRO A 36 -10.32 -23.79 -10.11
N SER A 37 -10.68 -22.52 -10.33
CA SER A 37 -10.26 -21.35 -9.57
C SER A 37 -11.36 -20.70 -8.79
N ASN A 38 -10.97 -20.15 -7.66
CA ASN A 38 -12.00 -19.51 -6.82
C ASN A 38 -11.86 -18.01 -6.70
N GLY A 39 -12.93 -17.39 -6.22
CA GLY A 39 -12.96 -15.94 -6.05
C GLY A 39 -14.17 -15.53 -5.22
N MET A 40 -14.14 -14.34 -4.65
CA MET A 40 -15.29 -13.89 -3.86
C MET A 40 -15.96 -12.74 -4.60
N ILE A 41 -17.25 -12.59 -4.59
CA ILE A 41 -17.93 -11.43 -5.14
C ILE A 41 -18.58 -10.86 -3.88
N VAL A 42 -18.34 -9.61 -3.55
CA VAL A 42 -18.85 -9.01 -2.34
C VAL A 42 -19.52 -7.68 -2.60
N ILE A 43 -20.83 -7.67 -2.40
CA ILE A 43 -21.78 -6.63 -2.60
C ILE A 43 -22.28 -5.85 -1.40
N ASN A 44 -22.03 -4.54 -1.46
CA ASN A 44 -22.57 -3.61 -0.51
C ASN A 44 -23.10 -2.39 -1.32
N ASN A 45 -24.39 -2.16 -1.06
CA ASN A 45 -25.06 -1.01 -1.62
C ASN A 45 -24.81 -0.68 -3.08
N HIS A 46 -24.78 -1.56 -4.03
CA HIS A 46 -24.58 -1.28 -5.45
C HIS A 46 -23.12 -1.18 -5.79
N GLN A 47 -22.35 -1.31 -4.67
CA GLN A 47 -20.87 -1.32 -4.88
C GLN A 47 -20.41 -2.76 -4.77
N ALA A 48 -19.63 -3.23 -5.70
CA ALA A 48 -19.14 -4.59 -5.77
C ALA A 48 -17.61 -4.67 -5.76
N ALA A 49 -17.15 -5.33 -4.69
CA ALA A 49 -15.74 -5.61 -4.46
C ALA A 49 -15.56 -7.05 -5.01
N LEU A 50 -14.44 -7.24 -5.65
CA LEU A 50 -14.11 -8.54 -6.20
C LEU A 50 -12.72 -8.91 -5.71
N LEU A 51 -12.66 -10.08 -5.14
CA LEU A 51 -11.54 -10.75 -4.55
C LEU A 51 -11.07 -11.80 -5.54
N ASP A 52 -10.08 -11.59 -6.31
CA ASP A 52 -9.43 -12.32 -7.34
C ASP A 52 -10.30 -12.63 -8.57
N THR A 53 -9.80 -12.46 -9.75
CA THR A 53 -10.42 -12.74 -11.00
C THR A 53 -9.83 -14.01 -11.65
N PRO A 54 -10.53 -14.51 -12.67
CA PRO A 54 -10.11 -15.65 -13.44
C PRO A 54 -8.85 -15.40 -14.28
N ILE A 55 -8.46 -16.44 -14.96
CA ILE A 55 -7.34 -16.62 -15.82
C ILE A 55 -7.10 -15.67 -16.96
N ASN A 56 -8.13 -15.07 -17.51
CA ASN A 56 -8.00 -14.14 -18.65
C ASN A 56 -9.05 -13.04 -18.46
N ASP A 57 -9.32 -12.21 -19.44
CA ASP A 57 -10.24 -11.10 -19.23
C ASP A 57 -11.67 -11.50 -19.56
N ALA A 58 -11.81 -12.37 -20.53
CA ALA A 58 -13.10 -12.88 -20.97
C ALA A 58 -14.02 -13.37 -19.89
N GLN A 59 -13.44 -14.10 -18.93
CA GLN A 59 -14.30 -14.66 -17.86
C GLN A 59 -14.38 -13.62 -16.74
N THR A 60 -13.38 -12.71 -16.77
CA THR A 60 -13.41 -11.63 -15.77
C THR A 60 -14.67 -10.82 -16.20
N GLU A 61 -14.69 -10.66 -17.55
CA GLU A 61 -15.74 -9.96 -18.26
C GLU A 61 -17.00 -10.80 -18.40
N MET A 62 -17.05 -11.95 -17.74
CA MET A 62 -18.23 -12.79 -17.85
C MET A 62 -19.01 -12.66 -16.53
N LEU A 63 -18.18 -12.72 -15.52
CA LEU A 63 -18.51 -12.65 -14.11
C LEU A 63 -18.80 -11.19 -13.81
N VAL A 64 -18.08 -10.25 -14.48
CA VAL A 64 -18.34 -8.87 -14.16
C VAL A 64 -19.66 -8.38 -14.74
N ASN A 65 -20.14 -9.06 -15.79
CA ASN A 65 -21.42 -8.52 -16.34
C ASN A 65 -22.60 -9.15 -15.68
N TRP A 66 -22.43 -10.39 -15.25
CA TRP A 66 -23.48 -11.10 -14.53
C TRP A 66 -23.75 -10.35 -13.20
N VAL A 67 -22.63 -9.96 -12.57
CA VAL A 67 -22.73 -9.24 -11.34
C VAL A 67 -23.25 -7.82 -11.60
N THR A 68 -23.73 -7.56 -12.80
CA THR A 68 -24.27 -6.27 -13.12
C THR A 68 -25.80 -6.58 -13.25
N ASP A 69 -25.96 -7.35 -14.31
CA ASP A 69 -27.29 -7.75 -14.76
C ASP A 69 -28.10 -8.32 -13.63
N SER A 70 -27.54 -9.24 -12.84
CA SER A 70 -28.33 -9.84 -11.79
C SER A 70 -28.20 -9.21 -10.42
N LEU A 71 -27.09 -8.70 -10.00
CA LEU A 71 -26.90 -8.14 -8.65
C LEU A 71 -26.99 -6.62 -8.66
N HIS A 72 -26.92 -5.99 -9.82
CA HIS A 72 -27.05 -4.56 -9.95
C HIS A 72 -26.19 -3.84 -8.89
N ALA A 73 -24.94 -4.27 -9.00
CA ALA A 73 -23.81 -3.72 -8.27
C ALA A 73 -22.83 -3.39 -9.46
N LYS A 74 -22.01 -2.41 -9.17
CA LYS A 74 -20.95 -2.04 -10.09
C LYS A 74 -19.64 -2.53 -9.40
N VAL A 75 -18.84 -3.27 -10.18
CA VAL A 75 -17.57 -3.73 -9.59
C VAL A 75 -16.69 -2.50 -9.48
N THR A 76 -16.18 -2.14 -8.32
CA THR A 76 -15.41 -0.90 -8.13
C THR A 76 -14.08 -1.00 -7.39
N THR A 77 -13.88 -2.11 -6.76
CA THR A 77 -12.79 -2.51 -5.90
C THR A 77 -12.30 -3.93 -6.24
N PHE A 78 -11.04 -4.20 -6.09
CA PHE A 78 -10.50 -5.52 -6.35
C PHE A 78 -9.25 -5.75 -5.49
N ILE A 79 -9.11 -7.06 -5.18
CA ILE A 79 -8.00 -7.50 -4.39
C ILE A 79 -7.58 -8.89 -4.82
N PRO A 80 -6.37 -8.96 -5.39
CA PRO A 80 -5.78 -10.22 -5.80
C PRO A 80 -5.12 -10.84 -4.55
N ASN A 81 -5.06 -12.14 -4.46
CA ASN A 81 -4.44 -12.83 -3.33
C ASN A 81 -2.92 -12.88 -3.43
N HIS A 82 -2.40 -13.03 -4.61
CA HIS A 82 -0.97 -13.05 -4.88
C HIS A 82 -0.78 -12.65 -6.33
N TRP A 83 0.33 -12.83 -7.00
CA TRP A 83 0.33 -12.38 -8.41
C TRP A 83 0.04 -13.45 -9.40
N HIS A 84 -0.71 -14.51 -9.16
CA HIS A 84 -0.85 -15.57 -10.15
C HIS A 84 -2.00 -15.46 -11.13
N GLY A 85 -1.82 -15.87 -12.38
CA GLY A 85 -2.91 -15.80 -13.32
C GLY A 85 -4.26 -15.98 -12.67
N ASP A 86 -4.33 -16.81 -11.63
CA ASP A 86 -5.54 -17.12 -10.92
C ASP A 86 -6.02 -16.01 -9.97
N CYS A 87 -5.21 -14.99 -9.77
CA CYS A 87 -5.46 -13.85 -8.93
C CYS A 87 -5.71 -12.62 -9.77
N ILE A 88 -4.70 -12.09 -10.45
CA ILE A 88 -4.84 -10.90 -11.31
C ILE A 88 -4.88 -11.28 -12.81
N GLY A 89 -5.08 -12.56 -13.07
CA GLY A 89 -5.06 -13.02 -14.43
C GLY A 89 -5.88 -12.17 -15.38
N GLY A 90 -6.90 -11.59 -14.78
CA GLY A 90 -7.83 -10.75 -15.52
C GLY A 90 -7.93 -9.33 -14.96
N LEU A 91 -6.82 -8.73 -14.59
CA LEU A 91 -6.79 -7.36 -14.07
C LEU A 91 -6.59 -6.41 -15.24
N GLY A 92 -6.15 -6.93 -16.39
CA GLY A 92 -5.94 -6.07 -17.56
C GLY A 92 -7.32 -5.45 -17.90
N TYR A 93 -8.35 -6.29 -17.88
CA TYR A 93 -9.71 -5.87 -18.14
C TYR A 93 -10.25 -4.74 -17.27
N LEU A 94 -10.22 -4.96 -15.97
CA LEU A 94 -10.66 -4.23 -14.85
C LEU A 94 -10.08 -2.89 -14.49
N GLN A 95 -8.96 -2.52 -15.04
CA GLN A 95 -8.30 -1.23 -14.78
C GLN A 95 -8.73 -0.29 -15.92
N ARG A 96 -9.20 -0.97 -16.92
CA ARG A 96 -9.71 -0.44 -18.18
C ARG A 96 -11.16 -0.05 -17.99
N LYS A 97 -11.78 -0.75 -17.04
CA LYS A 97 -13.14 -0.50 -16.59
C LYS A 97 -12.91 0.31 -15.28
N GLY A 98 -11.77 1.01 -15.33
CA GLY A 98 -11.36 1.83 -14.20
C GLY A 98 -11.60 1.22 -12.85
N VAL A 99 -11.38 -0.06 -12.59
CA VAL A 99 -11.60 -0.58 -11.24
C VAL A 99 -10.41 -0.24 -10.33
N GLN A 100 -10.72 0.06 -9.06
CA GLN A 100 -9.68 0.41 -8.12
C GLN A 100 -9.13 -0.82 -7.39
N SER A 101 -7.87 -1.13 -7.60
CA SER A 101 -7.25 -2.27 -6.98
C SER A 101 -6.32 -2.05 -5.82
N TYR A 102 -6.43 -2.86 -4.78
CA TYR A 102 -5.62 -2.84 -3.56
C TYR A 102 -5.01 -4.24 -3.41
N ALA A 103 -3.79 -4.35 -2.91
CA ALA A 103 -3.15 -5.66 -2.81
C ALA A 103 -1.99 -5.61 -1.84
N ASN A 104 -1.13 -6.63 -1.79
CA ASN A 104 0.02 -6.60 -0.85
C ASN A 104 1.03 -5.72 -1.59
N GLN A 105 1.86 -4.98 -0.86
CA GLN A 105 2.80 -4.17 -1.60
C GLN A 105 3.76 -5.10 -2.38
N MET A 106 4.11 -6.19 -1.72
CA MET A 106 5.01 -7.21 -2.25
C MET A 106 4.54 -7.71 -3.63
N THR A 107 3.24 -7.99 -3.62
CA THR A 107 2.58 -8.38 -4.86
C THR A 107 2.61 -7.28 -5.92
N ILE A 108 2.78 -6.05 -5.49
CA ILE A 108 2.83 -4.89 -6.40
C ILE A 108 4.21 -4.85 -7.03
N ASP A 109 5.20 -5.09 -6.15
CA ASP A 109 6.57 -5.02 -6.63
C ASP A 109 6.85 -6.19 -7.56
N LEU A 110 6.16 -7.25 -7.20
CA LEU A 110 6.30 -8.48 -7.93
C LEU A 110 5.79 -8.36 -9.34
N ALA A 111 4.46 -8.19 -9.43
CA ALA A 111 3.83 -8.03 -10.74
C ALA A 111 4.71 -7.10 -11.60
N LYS A 112 5.18 -5.97 -11.06
CA LYS A 112 6.00 -5.04 -11.80
C LYS A 112 7.22 -5.70 -12.42
N GLU A 113 7.90 -6.55 -11.69
CA GLU A 113 9.11 -7.21 -12.18
C GLU A 113 8.88 -8.23 -13.26
N LYS A 114 7.71 -8.81 -13.29
CA LYS A 114 7.24 -9.80 -14.21
C LYS A 114 6.40 -9.17 -15.32
N GLY A 115 6.17 -7.86 -15.15
CA GLY A 115 5.42 -7.01 -16.01
C GLY A 115 3.96 -7.30 -16.21
N LEU A 116 3.17 -7.34 -15.14
CA LEU A 116 1.73 -7.60 -15.20
C LEU A 116 1.01 -6.29 -14.96
N PRO A 117 -0.29 -6.18 -15.04
CA PRO A 117 -0.95 -4.89 -14.72
C PRO A 117 -0.73 -4.70 -13.22
N VAL A 118 -0.60 -3.50 -12.74
CA VAL A 118 -0.29 -3.20 -11.34
C VAL A 118 -1.34 -2.60 -10.50
N PRO A 119 -1.69 -3.18 -9.38
CA PRO A 119 -2.68 -2.59 -8.45
C PRO A 119 -2.21 -1.21 -8.04
N GLU A 120 -3.07 -0.34 -7.53
CA GLU A 120 -2.55 1.02 -7.28
C GLU A 120 -2.42 1.36 -5.82
N HIS A 121 -2.92 0.52 -4.92
CA HIS A 121 -2.83 0.83 -3.52
C HIS A 121 -2.12 -0.27 -2.81
N GLY A 122 -1.14 0.09 -1.96
CA GLY A 122 -0.40 -0.96 -1.30
C GLY A 122 -0.51 -0.90 0.20
N PHE A 123 0.02 -1.97 0.82
CA PHE A 123 0.03 -2.02 2.26
C PHE A 123 1.18 -2.90 2.68
N THR A 124 1.56 -2.90 3.94
CA THR A 124 2.73 -3.80 4.21
C THR A 124 2.28 -4.89 5.13
N ASP A 125 1.25 -4.61 5.94
CA ASP A 125 0.75 -5.64 6.84
C ASP A 125 -0.76 -5.73 6.84
N SER A 126 -1.47 -4.66 7.25
CA SER A 126 -2.92 -4.82 7.18
C SER A 126 -3.50 -3.64 6.42
N LEU A 127 -4.69 -3.78 5.85
CA LEU A 127 -5.34 -2.71 5.11
C LEU A 127 -6.83 -3.06 5.00
N THR A 128 -7.67 -2.29 5.62
CA THR A 128 -9.11 -2.31 5.74
C THR A 128 -9.81 -1.30 4.80
N VAL A 129 -10.17 -1.80 3.59
CA VAL A 129 -10.85 -0.99 2.59
C VAL A 129 -12.35 -1.02 2.89
N SER A 130 -13.09 0.05 2.56
CA SER A 130 -14.51 0.04 2.87
C SER A 130 -15.35 0.05 1.60
N LEU A 131 -16.21 -0.99 1.59
CA LEU A 131 -17.15 -1.06 0.45
C LEU A 131 -18.41 -0.35 0.98
N ASP A 132 -18.27 0.94 1.27
CA ASP A 132 -19.41 1.76 1.75
C ASP A 132 -19.85 1.45 3.17
N GLY A 133 -18.88 1.06 4.01
CA GLY A 133 -19.25 0.85 5.42
C GLY A 133 -19.06 -0.63 5.75
N MET A 134 -18.76 -1.35 4.67
CA MET A 134 -18.54 -2.79 4.85
C MET A 134 -17.02 -2.89 4.91
N PRO A 135 -16.48 -3.17 6.08
CA PRO A 135 -15.03 -3.33 6.23
C PRO A 135 -14.71 -4.56 5.32
N LEU A 136 -13.59 -4.60 4.68
CA LEU A 136 -13.14 -5.68 3.85
C LEU A 136 -11.59 -5.66 4.18
N GLN A 137 -11.32 -6.36 5.23
CA GLN A 137 -10.12 -6.58 5.93
C GLN A 137 -9.10 -7.54 5.34
N CYS A 138 -8.16 -6.95 4.64
CA CYS A 138 -7.05 -7.66 4.00
C CYS A 138 -5.88 -7.78 4.98
N TYR A 139 -5.07 -8.82 4.95
CA TYR A 139 -3.93 -8.91 5.86
C TYR A 139 -2.87 -9.77 5.14
N TYR A 140 -1.69 -9.55 5.63
CA TYR A 140 -0.46 -10.16 5.23
C TYR A 140 0.00 -10.79 6.55
N LEU A 141 -0.27 -12.08 6.53
CA LEU A 141 0.00 -12.94 7.69
C LEU A 141 1.24 -13.77 7.51
N GLY A 142 1.82 -13.65 6.32
CA GLY A 142 3.09 -14.36 6.01
C GLY A 142 2.96 -15.05 4.66
N GLY A 143 4.06 -15.53 4.13
CA GLY A 143 4.13 -16.23 2.86
C GLY A 143 3.80 -17.71 3.04
N GLY A 144 3.38 -18.33 1.98
CA GLY A 144 2.98 -19.73 1.93
C GLY A 144 3.09 -20.27 0.52
N HIS A 145 1.94 -20.54 -0.06
CA HIS A 145 1.82 -21.08 -1.43
C HIS A 145 2.67 -20.25 -2.37
N ALA A 146 2.85 -19.04 -1.96
CA ALA A 146 3.60 -17.96 -2.48
C ALA A 146 3.93 -16.99 -1.31
N THR A 147 4.93 -16.22 -1.64
CA THR A 147 5.45 -15.20 -0.74
C THR A 147 4.48 -14.09 -0.56
N ASP A 148 3.79 -13.58 -1.54
CA ASP A 148 2.87 -12.46 -1.26
C ASP A 148 1.47 -12.75 -0.86
N ASN A 149 1.08 -14.01 -0.82
CA ASN A 149 -0.26 -14.45 -0.48
C ASN A 149 -0.72 -13.79 0.80
N ILE A 150 -2.01 -13.48 0.79
CA ILE A 150 -2.68 -12.81 1.87
C ILE A 150 -4.06 -13.47 2.03
N VAL A 151 -4.77 -12.93 2.98
CA VAL A 151 -6.12 -13.35 3.33
C VAL A 151 -6.94 -12.03 3.40
N VAL A 152 -8.23 -12.20 3.20
CA VAL A 152 -9.23 -11.11 3.24
C VAL A 152 -10.25 -11.63 4.24
N TRP A 153 -10.60 -10.82 5.22
CA TRP A 153 -11.57 -11.25 6.26
C TRP A 153 -12.80 -10.34 6.21
N LEU A 154 -14.00 -10.83 6.03
CA LEU A 154 -15.21 -9.98 5.94
C LEU A 154 -15.89 -9.94 7.31
N PRO A 155 -15.41 -9.09 8.20
CA PRO A 155 -15.80 -8.93 9.58
C PRO A 155 -17.25 -8.99 9.95
N THR A 156 -18.12 -8.59 9.05
CA THR A 156 -19.57 -8.58 9.25
C THR A 156 -20.15 -9.94 8.88
N GLU A 157 -19.44 -10.66 8.04
CA GLU A 157 -19.78 -11.92 7.45
C GLU A 157 -19.08 -13.14 8.00
N ASN A 158 -18.07 -13.00 8.83
CA ASN A 158 -17.34 -14.12 9.42
C ASN A 158 -16.88 -15.10 8.32
N ILE A 159 -16.72 -14.50 7.16
CA ILE A 159 -16.29 -15.22 5.95
C ILE A 159 -14.80 -14.94 5.76
N LEU A 160 -13.98 -16.00 5.64
CA LEU A 160 -12.56 -15.72 5.48
C LEU A 160 -12.10 -16.27 4.12
N PHE A 161 -11.51 -15.26 3.38
CA PHE A 161 -11.01 -15.68 2.08
C PHE A 161 -9.59 -16.12 2.33
N GLY A 162 -9.49 -17.40 2.68
CA GLY A 162 -8.20 -18.05 2.94
C GLY A 162 -7.30 -17.92 1.73
N GLY A 163 -7.72 -18.24 0.53
CA GLY A 163 -6.80 -18.07 -0.62
C GLY A 163 -6.03 -19.31 -0.97
N CYS A 164 -4.95 -19.23 -1.72
CA CYS A 164 -4.15 -20.36 -2.12
C CYS A 164 -3.21 -20.83 -1.03
N MET A 165 -3.23 -20.22 0.16
CA MET A 165 -2.32 -20.78 1.16
C MET A 165 -3.06 -21.99 1.74
N LEU A 166 -4.36 -22.02 1.48
CA LEU A 166 -5.25 -23.05 1.95
C LEU A 166 -5.64 -24.01 0.84
N LYS A 167 -6.01 -25.23 1.23
CA LYS A 167 -6.45 -26.28 0.35
C LYS A 167 -7.79 -26.79 0.88
N ASP A 168 -8.56 -27.53 0.09
CA ASP A 168 -9.85 -28.03 0.56
C ASP A 168 -9.53 -29.22 1.54
N ASN A 169 -10.64 -29.65 2.12
CA ASN A 169 -10.59 -30.87 2.92
C ASN A 169 -10.48 -32.08 1.98
N GLN A 170 -10.76 -31.90 0.70
CA GLN A 170 -10.78 -32.97 -0.27
C GLN A 170 -9.48 -33.39 -0.90
N THR A 171 -8.54 -32.46 -0.95
CA THR A 171 -7.25 -32.63 -1.60
C THR A 171 -6.16 -32.89 -0.60
N THR A 172 -5.11 -33.63 -1.01
CA THR A 172 -3.99 -33.86 -0.07
C THR A 172 -2.68 -33.52 -0.77
N SER A 173 -2.79 -32.65 -1.73
CA SER A 173 -1.81 -32.13 -2.66
C SER A 173 -1.25 -30.74 -2.37
N ILE A 174 0.06 -30.58 -2.52
CA ILE A 174 0.65 -29.24 -2.26
C ILE A 174 0.55 -28.39 -3.51
N GLY A 175 -0.05 -28.96 -4.53
CA GLY A 175 -0.24 -28.32 -5.82
C GLY A 175 1.06 -27.77 -6.45
N ASN A 176 1.11 -26.53 -6.85
CA ASN A 176 2.13 -25.78 -7.46
C ASN A 176 2.90 -24.88 -6.49
N ILE A 177 4.13 -25.28 -6.29
CA ILE A 177 4.94 -24.58 -5.29
C ILE A 177 6.17 -24.04 -5.88
N SER A 178 6.06 -23.24 -6.97
CA SER A 178 7.32 -22.71 -7.54
C SER A 178 7.66 -21.39 -6.87
N ASP A 179 6.68 -20.65 -6.33
CA ASP A 179 6.99 -19.37 -5.70
C ASP A 179 6.56 -19.39 -4.24
N ALA A 180 6.79 -20.56 -3.65
CA ALA A 180 6.43 -20.80 -2.31
C ALA A 180 7.44 -20.57 -1.21
N ASP A 181 6.82 -20.49 0.00
CA ASP A 181 7.64 -20.32 1.18
C ASP A 181 7.12 -21.39 2.16
N VAL A 182 7.49 -22.59 1.82
CA VAL A 182 7.21 -23.85 2.49
C VAL A 182 7.61 -23.91 3.93
N THR A 183 8.91 -23.78 4.19
CA THR A 183 9.37 -23.77 5.59
C THR A 183 8.58 -22.71 6.38
N ALA A 184 8.20 -21.63 5.69
CA ALA A 184 7.51 -20.51 6.23
C ALA A 184 6.00 -20.53 6.31
N TRP A 185 5.37 -21.20 5.39
CA TRP A 185 3.90 -21.25 5.30
C TRP A 185 3.29 -21.80 6.56
N PRO A 186 3.79 -23.04 6.87
CA PRO A 186 3.31 -23.78 8.04
C PRO A 186 2.98 -22.85 9.18
N LYS A 187 3.80 -21.82 9.38
CA LYS A 187 3.53 -20.91 10.50
C LYS A 187 2.61 -19.75 10.22
N THR A 188 2.22 -19.66 8.94
CA THR A 188 1.30 -18.54 8.53
C THR A 188 -0.07 -19.04 8.93
N LEU A 189 -0.42 -20.22 8.44
CA LEU A 189 -1.75 -20.81 8.78
C LEU A 189 -1.95 -20.80 10.28
N ASP A 190 -0.87 -21.11 11.00
CA ASP A 190 -0.90 -21.09 12.47
C ASP A 190 -1.43 -19.72 12.87
N LYS A 191 -0.79 -18.66 12.36
CA LYS A 191 -1.29 -17.30 12.71
C LYS A 191 -2.75 -17.22 12.26
N VAL A 192 -3.01 -17.52 10.99
CA VAL A 192 -4.38 -17.46 10.48
C VAL A 192 -5.31 -18.29 11.37
N LYS A 193 -4.95 -19.44 11.95
CA LYS A 193 -6.04 -20.08 12.69
C LYS A 193 -6.33 -19.30 13.98
N ALA A 194 -5.34 -18.57 14.45
CA ALA A 194 -5.43 -17.84 15.68
C ALA A 194 -6.24 -16.57 15.62
N LYS A 195 -6.20 -15.87 14.51
CA LYS A 195 -6.90 -14.63 14.27
C LYS A 195 -8.39 -14.72 13.93
N PHE A 196 -8.82 -15.73 13.19
CA PHE A 196 -10.21 -15.94 12.82
C PHE A 196 -10.70 -17.30 13.33
N PRO A 197 -10.50 -17.59 14.59
CA PRO A 197 -10.93 -18.84 15.16
C PRO A 197 -12.44 -19.04 14.97
N SER A 198 -13.10 -17.93 14.76
CA SER A 198 -14.55 -17.81 14.65
C SER A 198 -15.12 -17.58 13.27
N ALA A 199 -14.42 -17.99 12.23
CA ALA A 199 -14.81 -17.84 10.85
C ALA A 199 -15.86 -18.87 10.45
N ARG A 200 -17.01 -18.45 9.92
CA ARG A 200 -17.95 -19.52 9.54
C ARG A 200 -17.57 -20.14 8.23
N TYR A 201 -17.09 -19.34 7.29
CA TYR A 201 -16.69 -19.90 6.01
C TYR A 201 -15.23 -19.50 5.81
N VAL A 202 -14.47 -20.44 5.33
CA VAL A 202 -13.04 -20.30 5.04
C VAL A 202 -12.85 -20.99 3.68
N VAL A 203 -12.91 -20.29 2.62
CA VAL A 203 -12.80 -20.72 1.24
C VAL A 203 -11.33 -20.71 0.82
N PRO A 204 -10.87 -21.65 0.07
CA PRO A 204 -9.52 -21.75 -0.47
C PRO A 204 -9.41 -20.99 -1.80
N GLY A 205 -8.23 -21.11 -2.42
CA GLY A 205 -7.97 -20.47 -3.71
C GLY A 205 -8.30 -21.42 -4.86
N HIS A 206 -8.65 -22.65 -4.63
CA HIS A 206 -9.00 -23.74 -5.49
C HIS A 206 -9.57 -24.83 -4.57
N GLY A 207 -10.45 -25.65 -5.10
CA GLY A 207 -11.06 -26.70 -4.28
C GLY A 207 -12.35 -26.05 -3.73
N ASN A 208 -13.17 -26.90 -3.12
CA ASN A 208 -14.44 -26.40 -2.56
C ASN A 208 -14.17 -25.78 -1.21
N TYR A 209 -15.02 -24.82 -0.81
CA TYR A 209 -14.96 -24.05 0.41
C TYR A 209 -15.19 -24.85 1.65
N GLY A 210 -15.12 -24.28 2.86
CA GLY A 210 -15.37 -25.08 4.05
C GLY A 210 -15.49 -24.35 5.35
N GLY A 211 -14.79 -24.86 6.37
CA GLY A 211 -14.76 -24.28 7.71
C GLY A 211 -13.31 -24.00 8.13
N THR A 212 -13.04 -23.99 9.44
CA THR A 212 -11.64 -23.71 9.85
C THR A 212 -10.76 -24.93 9.96
N GLU A 213 -11.19 -26.02 9.38
CA GLU A 213 -10.38 -27.28 9.48
C GLU A 213 -9.51 -27.29 8.25
N LEU A 214 -9.94 -26.42 7.32
CA LEU A 214 -9.20 -26.30 6.07
C LEU A 214 -7.78 -25.84 6.43
N ILE A 215 -7.72 -25.12 7.55
CA ILE A 215 -6.44 -24.60 8.02
C ILE A 215 -5.58 -25.72 8.52
N GLU A 216 -6.11 -26.50 9.48
CA GLU A 216 -5.27 -27.58 10.02
C GLU A 216 -4.99 -28.63 8.97
N HIS A 217 -5.85 -28.64 7.94
CA HIS A 217 -5.63 -29.65 6.89
C HIS A 217 -4.47 -29.37 5.94
N THR A 218 -4.35 -28.09 5.58
CA THR A 218 -3.37 -27.60 4.66
C THR A 218 -2.02 -27.68 5.37
N LYS A 219 -2.07 -27.36 6.65
CA LYS A 219 -0.81 -27.34 7.41
C LYS A 219 -0.15 -28.71 7.29
N GLN A 220 -0.96 -29.72 7.53
CA GLN A 220 -0.58 -31.13 7.45
C GLN A 220 0.04 -31.28 6.07
N ILE A 221 -0.77 -31.22 5.03
CA ILE A 221 -0.25 -31.31 3.66
C ILE A 221 1.19 -30.81 3.62
N VAL A 222 1.36 -29.54 3.95
CA VAL A 222 2.67 -28.94 3.98
C VAL A 222 3.67 -29.71 4.83
N ASN A 223 3.37 -30.09 6.08
CA ASN A 223 4.33 -30.83 6.88
C ASN A 223 4.61 -32.19 6.24
N GLN A 224 3.59 -32.85 5.69
CA GLN A 224 3.81 -34.15 5.05
C GLN A 224 4.81 -34.03 3.90
N TYR A 225 4.80 -32.89 3.22
CA TYR A 225 5.73 -32.69 2.09
C TYR A 225 7.05 -32.16 2.63
N ILE A 226 6.99 -31.29 3.65
CA ILE A 226 8.32 -30.88 4.17
C ILE A 226 8.91 -32.16 4.81
N GLU A 227 8.23 -32.72 5.83
CA GLU A 227 8.71 -33.91 6.52
C GLU A 227 9.07 -35.04 5.57
N SER A 228 8.60 -34.96 4.34
CA SER A 228 8.85 -35.99 3.35
C SER A 228 9.83 -35.59 2.27
N THR A 229 10.52 -34.48 2.43
CA THR A 229 11.46 -34.07 1.40
C THR A 229 12.72 -33.54 2.10
N SER A 230 12.48 -33.06 3.33
CA SER A 230 13.54 -32.45 4.13
C SER A 230 14.19 -33.40 5.13
N LYS B 3 9.05 20.05 22.26
CA LYS B 3 10.29 20.53 22.91
C LYS B 3 11.39 20.64 21.88
N SER B 4 12.26 21.65 21.98
CA SER B 4 13.27 21.78 20.94
C SER B 4 14.69 21.99 21.40
N VAL B 5 15.59 21.09 21.01
CA VAL B 5 17.00 21.10 21.31
C VAL B 5 17.82 20.58 20.11
N LYS B 6 18.99 21.16 19.87
CA LYS B 6 19.81 20.78 18.74
C LYS B 6 20.79 19.62 18.80
N ILE B 7 20.42 18.60 18.05
CA ILE B 7 21.18 17.38 17.88
C ILE B 7 22.63 17.72 17.53
N SER B 8 22.72 18.62 16.55
CA SER B 8 23.97 19.04 15.93
C SER B 8 24.03 20.54 15.87
N ASP B 9 24.92 21.09 15.04
CA ASP B 9 25.03 22.53 14.87
C ASP B 9 24.08 23.00 13.76
N ASP B 10 23.82 22.04 12.85
CA ASP B 10 22.96 22.30 11.73
C ASP B 10 21.82 21.31 11.61
N ILE B 11 21.23 20.89 12.70
CA ILE B 11 20.10 19.97 12.72
C ILE B 11 19.23 20.25 13.95
N SER B 12 17.99 20.63 13.77
CA SER B 12 17.14 20.96 14.95
C SER B 12 16.14 19.87 15.19
N ILE B 13 15.51 19.69 16.34
CA ILE B 13 14.52 18.61 16.46
C ILE B 13 13.30 19.05 17.28
N THR B 14 12.11 18.95 16.70
CA THR B 14 10.92 19.39 17.44
C THR B 14 9.92 18.26 17.65
N GLN B 15 9.67 18.06 18.93
CA GLN B 15 8.75 17.00 19.32
C GLN B 15 7.33 17.29 18.89
N LEU B 16 6.97 16.80 17.70
CA LEU B 16 5.58 17.05 17.26
C LEU B 16 4.61 16.31 18.10
N SER B 17 4.97 15.13 18.66
CA SER B 17 3.99 14.39 19.47
C SER B 17 4.48 13.22 20.29
N ASP B 18 3.56 12.53 20.96
CA ASP B 18 3.90 11.35 21.77
C ASP B 18 4.90 10.48 20.99
N LYS B 19 4.63 10.34 19.67
CA LYS B 19 5.54 9.51 18.87
C LYS B 19 5.99 10.26 17.62
N VAL B 20 5.76 11.57 17.55
CA VAL B 20 6.19 12.28 16.32
C VAL B 20 7.09 13.47 16.55
N TYR B 21 8.06 13.69 15.67
CA TYR B 21 9.10 14.67 15.65
C TYR B 21 9.42 15.39 14.34
N THR B 22 9.84 16.68 14.41
CA THR B 22 10.19 17.45 13.24
C THR B 22 11.69 17.83 13.26
N TYR B 23 12.33 17.62 12.12
CA TYR B 23 13.74 17.96 12.03
C TYR B 23 13.91 19.09 11.04
N VAL B 24 14.96 19.87 11.26
CA VAL B 24 15.21 21.01 10.34
C VAL B 24 16.67 20.92 9.94
N SER B 25 16.93 20.70 8.70
CA SER B 25 18.26 20.57 8.15
C SER B 25 18.85 21.84 7.57
N LEU B 26 19.95 22.31 8.15
CA LEU B 26 20.60 23.50 7.56
C LEU B 26 21.56 22.88 6.56
N ALA B 27 21.52 23.29 5.32
CA ALA B 27 22.42 22.71 4.31
C ALA B 27 22.37 23.77 3.23
N GLU B 28 23.30 23.78 2.29
CA GLU B 28 23.20 24.88 1.34
C GLU B 28 23.15 24.46 -0.08
N ILE B 29 21.85 24.33 -0.43
CA ILE B 29 21.50 23.97 -1.84
C ILE B 29 22.26 25.05 -2.59
N GLU B 30 22.84 24.73 -3.70
CA GLU B 30 23.66 25.71 -4.39
C GLU B 30 22.95 26.57 -5.39
N GLY B 31 23.33 27.87 -5.34
CA GLY B 31 22.72 28.86 -6.23
C GLY B 31 21.64 29.53 -5.35
N TRP B 32 21.59 29.06 -4.10
CA TRP B 32 20.61 29.54 -3.15
C TRP B 32 21.15 29.62 -1.74
N GLY B 33 22.30 29.03 -1.46
CA GLY B 33 22.85 29.05 -0.12
C GLY B 33 22.13 28.16 0.89
N MET B 34 22.30 28.50 2.17
CA MET B 34 21.73 27.81 3.30
C MET B 34 20.21 27.81 3.12
N VAL B 35 19.61 26.66 3.25
CA VAL B 35 18.21 26.40 3.14
C VAL B 35 17.91 25.31 4.19
N PRO B 36 16.93 25.63 5.03
CA PRO B 36 16.49 24.74 6.11
C PRO B 36 15.38 23.82 5.63
N SER B 37 15.70 22.52 5.65
CA SER B 37 14.84 21.48 5.19
C SER B 37 14.23 20.61 6.25
N ASN B 38 12.91 20.61 6.24
CA ASN B 38 12.18 19.81 7.21
C ASN B 38 12.16 18.34 6.84
N GLY B 39 11.69 17.55 7.79
CA GLY B 39 11.57 16.08 7.68
C GLY B 39 10.93 15.67 9.01
N MET B 40 10.37 14.48 8.99
CA MET B 40 9.71 13.97 10.18
C MET B 40 10.43 12.74 10.66
N ILE B 41 10.48 12.46 11.90
CA ILE B 41 11.07 11.26 12.49
C ILE B 41 9.87 10.66 13.27
N VAL B 42 9.46 9.46 12.87
CA VAL B 42 8.29 8.89 13.56
C VAL B 42 8.74 7.64 14.29
N ILE B 43 8.43 7.53 15.57
CA ILE B 43 8.89 6.32 16.23
C ILE B 43 7.77 5.51 16.85
N ASN B 44 7.82 4.22 16.43
CA ASN B 44 6.78 3.32 17.02
C ASN B 44 7.48 2.02 17.39
N ASN B 45 7.54 1.77 18.69
CA ASN B 45 8.14 0.68 19.38
C ASN B 45 9.58 0.30 19.07
N HIS B 46 10.48 1.19 19.43
CA HIS B 46 11.94 0.97 19.27
C HIS B 46 12.20 0.69 17.81
N GLN B 47 11.20 1.27 17.10
CA GLN B 47 11.13 1.25 15.66
C GLN B 47 10.91 2.64 15.10
N ALA B 48 11.77 3.04 14.17
CA ALA B 48 11.75 4.33 13.54
C ALA B 48 11.51 4.40 12.04
N ALA B 49 10.58 5.27 11.65
CA ALA B 49 10.26 5.48 10.23
C ALA B 49 10.73 6.90 9.88
N LEU B 50 11.40 7.20 8.78
CA LEU B 50 11.75 8.60 8.53
C LEU B 50 11.46 9.09 7.11
N LEU B 51 10.59 10.10 7.13
CA LEU B 51 10.03 10.87 6.04
C LEU B 51 10.99 11.93 5.56
N ASP B 52 11.44 11.84 4.33
CA ASP B 52 12.41 12.71 3.72
C ASP B 52 13.75 12.73 4.46
N THR B 53 14.88 12.74 3.78
CA THR B 53 16.19 12.81 4.41
C THR B 53 16.83 14.17 4.18
N PRO B 54 17.81 14.49 5.00
CA PRO B 54 18.53 15.76 4.73
C PRO B 54 19.14 15.62 3.33
N ILE B 55 19.91 16.59 2.93
CA ILE B 55 20.60 16.80 1.70
C ILE B 55 21.79 15.90 1.37
N ASN B 56 22.37 15.27 2.40
CA ASN B 56 23.52 14.42 2.18
C ASN B 56 23.92 13.59 3.39
N ASP B 57 24.23 12.35 3.07
CA ASP B 57 24.65 11.28 3.90
C ASP B 57 25.23 11.59 5.26
N ALA B 58 26.08 12.63 5.36
CA ALA B 58 26.67 12.92 6.68
C ALA B 58 25.65 13.47 7.66
N GLN B 59 24.72 14.30 7.15
CA GLN B 59 23.66 14.87 8.00
C GLN B 59 22.62 13.77 8.25
N THR B 60 22.30 13.10 7.14
CA THR B 60 21.31 12.01 7.22
C THR B 60 21.86 11.06 8.29
N GLU B 61 23.20 10.98 8.14
CA GLU B 61 23.98 10.13 8.99
C GLU B 61 23.59 10.35 10.45
N MET B 62 24.11 11.45 10.98
CA MET B 62 23.85 11.73 12.40
C MET B 62 22.38 11.86 12.71
N LEU B 63 21.61 12.29 11.70
CA LEU B 63 20.18 12.41 12.00
C LEU B 63 19.75 10.99 12.44
N VAL B 64 19.93 10.05 11.49
CA VAL B 64 19.46 8.67 11.84
C VAL B 64 20.26 8.26 13.07
N ASN B 65 21.53 8.61 13.01
CA ASN B 65 22.46 8.32 14.09
C ASN B 65 21.86 8.63 15.46
N TRP B 66 21.26 9.82 15.48
CA TRP B 66 20.67 10.35 16.69
C TRP B 66 19.47 9.61 17.18
N VAL B 67 18.50 9.14 16.37
CA VAL B 67 17.36 8.44 16.89
C VAL B 67 17.63 7.39 17.96
N THR B 68 18.58 6.51 17.77
CA THR B 68 18.90 5.44 18.71
C THR B 68 19.15 5.81 20.16
N ASP B 69 20.28 6.42 20.38
CA ASP B 69 20.80 6.92 21.62
C ASP B 69 19.81 7.76 22.41
N SER B 70 19.05 8.56 21.68
CA SER B 70 18.11 9.47 22.39
C SER B 70 16.71 8.99 22.40
N LEU B 71 16.13 8.61 21.27
CA LEU B 71 14.75 8.06 21.35
C LEU B 71 14.86 6.55 21.24
N HIS B 72 16.10 6.08 21.16
CA HIS B 72 16.45 4.69 21.04
C HIS B 72 15.48 3.98 20.09
N ALA B 73 15.91 4.05 18.83
CA ALA B 73 15.14 3.43 17.77
C ALA B 73 16.08 3.08 16.61
N LYS B 74 15.61 2.23 15.70
CA LYS B 74 16.46 1.91 14.55
C LYS B 74 15.70 2.39 13.32
N VAL B 75 16.35 3.10 12.40
CA VAL B 75 15.57 3.50 11.22
C VAL B 75 15.38 2.22 10.40
N THR B 76 14.11 1.76 10.33
CA THR B 76 13.84 0.53 9.59
C THR B 76 13.14 0.79 8.27
N THR B 77 12.50 1.93 8.14
CA THR B 77 11.74 2.32 6.96
C THR B 77 11.99 3.76 6.50
N PHE B 78 11.57 4.07 5.29
CA PHE B 78 11.74 5.45 4.86
C PHE B 78 11.08 5.75 3.52
N ILE B 79 10.34 6.84 3.56
CA ILE B 79 9.59 7.48 2.52
C ILE B 79 10.22 8.86 2.24
N PRO B 80 10.52 9.14 1.01
CA PRO B 80 11.09 10.41 0.56
C PRO B 80 10.01 11.21 -0.16
N ASN B 81 9.78 12.45 0.13
CA ASN B 81 8.69 13.22 -0.43
C ASN B 81 8.67 13.52 -1.91
N HIS B 82 9.78 13.55 -2.59
CA HIS B 82 9.85 13.77 -4.04
C HIS B 82 11.28 13.38 -4.33
N TRP B 83 11.86 13.49 -5.49
CA TRP B 83 13.20 13.09 -5.77
C TRP B 83 14.23 14.21 -5.54
N HIS B 84 13.73 15.35 -5.01
CA HIS B 84 14.71 16.45 -4.84
C HIS B 84 15.82 16.01 -3.89
N GLY B 85 16.92 16.76 -3.94
CA GLY B 85 18.06 16.44 -3.11
C GLY B 85 17.74 16.63 -1.64
N ASP B 86 16.74 17.45 -1.32
CA ASP B 86 16.41 17.70 0.08
C ASP B 86 15.43 16.64 0.54
N CYS B 87 15.09 15.77 -0.42
CA CYS B 87 14.15 14.69 -0.08
C CYS B 87 14.82 13.33 -0.01
N ILE B 88 15.75 13.10 -0.94
CA ILE B 88 16.47 11.85 -1.00
C ILE B 88 17.98 12.04 -0.92
N GLY B 89 18.43 12.97 -0.09
CA GLY B 89 19.85 13.27 0.07
C GLY B 89 20.70 12.00 0.24
N GLY B 90 20.59 11.37 1.41
CA GLY B 90 21.31 10.19 1.74
C GLY B 90 20.51 8.90 1.62
N LEU B 91 19.88 8.67 0.45
CA LEU B 91 19.12 7.42 0.32
C LEU B 91 20.22 6.34 0.60
N GLY B 92 21.36 6.73 0.06
CA GLY B 92 22.58 5.93 0.17
C GLY B 92 22.90 5.65 1.62
N TYR B 93 22.95 6.66 2.48
CA TYR B 93 23.25 6.34 3.88
C TYR B 93 22.31 5.31 4.46
N LEU B 94 20.99 5.39 4.23
CA LEU B 94 20.11 4.37 4.83
C LEU B 94 20.07 3.04 4.11
N GLN B 95 20.60 3.04 2.88
CA GLN B 95 20.58 1.81 2.10
C GLN B 95 21.52 0.80 2.74
N ARG B 96 22.73 1.23 3.13
CA ARG B 96 23.63 0.24 3.72
C ARG B 96 23.45 0.15 5.21
N LYS B 97 22.23 0.47 5.60
CA LYS B 97 21.67 0.35 6.94
C LYS B 97 20.45 -0.55 6.57
N GLY B 98 20.45 -0.62 5.21
CA GLY B 98 19.42 -1.43 4.54
C GLY B 98 18.09 -0.96 5.16
N VAL B 99 17.63 0.20 4.61
CA VAL B 99 16.35 0.71 5.08
C VAL B 99 15.34 0.46 3.93
N GLN B 100 14.20 -0.06 4.41
CA GLN B 100 13.11 -0.37 3.47
C GLN B 100 12.69 0.95 2.85
N SER B 101 13.01 1.16 1.59
CA SER B 101 12.67 2.41 0.95
C SER B 101 11.41 2.44 0.09
N TYR B 102 10.33 3.02 0.58
CA TYR B 102 9.13 3.16 -0.18
C TYR B 102 8.96 4.65 -0.64
N ALA B 103 8.26 4.73 -1.77
CA ALA B 103 8.03 6.03 -2.33
C ALA B 103 7.35 5.87 -3.67
N ASN B 104 6.48 6.79 -4.00
CA ASN B 104 5.76 6.85 -5.26
C ASN B 104 6.67 6.49 -6.43
N GLN B 105 6.27 5.48 -7.17
CA GLN B 105 6.92 4.95 -8.34
C GLN B 105 7.32 6.07 -9.27
N MET B 106 6.67 7.24 -9.16
CA MET B 106 7.08 8.32 -10.09
C MET B 106 8.48 8.79 -9.67
N THR B 107 8.78 8.66 -8.38
CA THR B 107 10.07 9.12 -7.87
C THR B 107 11.18 8.11 -8.17
N ILE B 108 10.70 6.85 -8.19
CA ILE B 108 11.67 5.80 -8.49
C ILE B 108 12.21 6.06 -9.90
N ASP B 109 11.37 6.30 -10.87
CA ASP B 109 11.74 6.50 -12.26
C ASP B 109 12.67 7.67 -12.56
N LEU B 110 12.49 8.71 -11.72
CA LEU B 110 13.28 9.91 -11.84
C LEU B 110 14.66 9.74 -11.24
N ALA B 111 14.76 8.86 -10.27
CA ALA B 111 16.05 8.59 -9.59
C ALA B 111 16.76 7.50 -10.38
N LYS B 112 15.98 6.67 -11.06
CA LYS B 112 16.54 5.57 -11.87
C LYS B 112 17.08 6.24 -13.16
N GLU B 113 16.53 7.44 -13.43
CA GLU B 113 16.96 8.11 -14.63
C GLU B 113 18.14 9.04 -14.48
N LYS B 114 18.18 9.92 -13.49
CA LYS B 114 19.30 10.86 -13.34
C LYS B 114 20.50 10.20 -12.69
N GLY B 115 20.42 8.90 -12.41
CA GLY B 115 21.47 8.12 -11.84
C GLY B 115 21.58 8.10 -10.33
N LEU B 116 20.44 7.94 -9.66
CA LEU B 116 20.33 7.99 -8.22
C LEU B 116 19.94 6.82 -7.40
N PRO B 117 20.05 6.96 -6.06
CA PRO B 117 19.66 5.94 -5.11
C PRO B 117 18.26 5.49 -5.59
N VAL B 118 17.87 4.27 -5.27
CA VAL B 118 16.55 3.91 -5.77
C VAL B 118 15.75 3.30 -4.65
N PRO B 119 14.55 3.82 -4.52
CA PRO B 119 13.65 3.33 -3.50
C PRO B 119 13.25 1.91 -3.87
N GLU B 120 13.24 1.04 -2.89
CA GLU B 120 12.81 -0.32 -3.09
C GLU B 120 11.42 -0.40 -3.73
N HIS B 121 10.44 -0.10 -2.87
CA HIS B 121 9.04 -0.17 -3.23
C HIS B 121 8.37 1.02 -3.86
N GLY B 122 7.99 0.90 -5.14
CA GLY B 122 7.28 2.02 -5.78
C GLY B 122 5.78 1.77 -5.49
N PHE B 123 5.00 2.79 -5.58
CA PHE B 123 3.56 2.76 -5.35
C PHE B 123 2.88 3.72 -6.32
N THR B 124 1.68 3.39 -6.84
CA THR B 124 0.98 4.27 -7.78
C THR B 124 0.09 5.33 -7.14
N ASP B 125 -0.96 4.92 -6.40
CA ASP B 125 -1.85 5.89 -5.75
C ASP B 125 -1.74 5.86 -4.24
N SER B 126 -2.08 4.84 -3.48
CA SER B 126 -1.93 4.91 -2.04
C SER B 126 -0.71 4.13 -1.56
N LEU B 127 -0.65 3.95 -0.23
CA LEU B 127 0.33 3.14 0.40
C LEU B 127 0.33 3.10 1.93
N THR B 128 -0.45 2.13 2.48
CA THR B 128 -0.40 2.10 3.96
C THR B 128 0.78 1.28 4.42
N VAL B 129 1.70 1.91 5.14
CA VAL B 129 2.90 1.24 5.66
C VAL B 129 2.72 1.02 7.17
N SER B 130 2.64 -0.18 7.69
CA SER B 130 2.49 -0.26 9.17
C SER B 130 3.88 -0.45 9.77
N LEU B 131 4.12 0.35 10.81
CA LEU B 131 5.34 0.48 11.57
C LEU B 131 5.03 -0.06 12.97
N ASP B 132 5.62 -1.22 13.22
CA ASP B 132 5.50 -1.91 14.45
C ASP B 132 4.10 -1.77 15.02
N GLY B 133 3.19 -1.37 14.11
CA GLY B 133 1.81 -1.23 14.63
C GLY B 133 1.01 -0.08 14.06
N MET B 134 1.52 1.14 14.19
CA MET B 134 0.66 2.23 13.66
C MET B 134 0.91 2.49 12.19
N PRO B 135 -0.09 3.16 11.56
CA PRO B 135 -0.07 3.43 10.15
C PRO B 135 0.42 4.78 9.67
N LEU B 136 1.40 4.77 8.80
CA LEU B 136 1.85 6.01 8.18
C LEU B 136 1.31 5.83 6.73
N GLN B 137 0.43 6.73 6.25
CA GLN B 137 -0.12 6.57 4.95
C GLN B 137 0.32 7.53 3.87
N CYS B 138 0.57 6.94 2.71
CA CYS B 138 0.98 7.67 1.54
C CYS B 138 -0.10 7.72 0.47
N TYR B 139 -0.14 8.90 -0.15
CA TYR B 139 -0.94 9.40 -1.19
C TYR B 139 -0.22 10.33 -2.21
N TYR B 140 -0.40 9.95 -3.45
CA TYR B 140 0.18 10.78 -4.53
C TYR B 140 -1.12 11.42 -5.04
N LEU B 141 -1.38 12.70 -4.72
CA LEU B 141 -2.65 13.24 -5.19
C LEU B 141 -2.41 14.19 -6.37
N GLY B 142 -1.43 13.83 -7.19
CA GLY B 142 -1.08 14.67 -8.32
C GLY B 142 0.11 15.52 -7.84
N GLY B 143 0.64 16.27 -8.80
CA GLY B 143 1.77 17.12 -8.67
C GLY B 143 1.53 18.55 -8.27
N GLY B 144 2.63 19.29 -8.22
CA GLY B 144 2.59 20.72 -7.86
C GLY B 144 4.08 21.18 -8.01
N HIS B 145 4.74 21.26 -6.88
CA HIS B 145 6.13 21.64 -6.76
C HIS B 145 6.97 20.88 -7.77
N ALA B 146 7.09 19.61 -7.49
CA ALA B 146 7.78 18.62 -8.30
C ALA B 146 6.64 17.67 -8.71
N THR B 147 6.64 17.18 -9.93
CA THR B 147 5.55 16.28 -10.32
C THR B 147 5.45 15.05 -9.44
N ASP B 148 6.45 14.59 -8.70
CA ASP B 148 6.28 13.36 -7.93
C ASP B 148 5.89 13.53 -6.48
N ASN B 149 5.75 14.71 -5.96
CA ASN B 149 5.38 14.99 -4.60
C ASN B 149 4.30 14.12 -3.99
N ILE B 150 4.51 13.59 -2.78
CA ILE B 150 3.42 12.83 -2.12
C ILE B 150 2.99 13.54 -0.84
N VAL B 151 2.13 12.91 -0.05
CA VAL B 151 1.76 13.48 1.25
C VAL B 151 1.73 12.30 2.22
N VAL B 152 2.18 12.44 3.44
CA VAL B 152 2.15 11.32 4.39
C VAL B 152 1.23 11.61 5.55
N TRP B 153 0.08 10.93 5.58
CA TRP B 153 -0.95 11.09 6.57
C TRP B 153 -0.89 10.19 7.78
N LEU B 154 -0.48 10.67 8.96
CA LEU B 154 -0.40 9.86 10.17
C LEU B 154 -1.73 9.98 10.89
N PRO B 155 -2.58 8.99 10.60
CA PRO B 155 -3.91 9.06 11.14
C PRO B 155 -4.05 9.00 12.61
N THR B 156 -3.15 8.43 13.39
CA THR B 156 -3.46 8.33 14.86
C THR B 156 -3.11 9.54 15.67
N GLU B 157 -2.33 10.45 15.11
CA GLU B 157 -1.90 11.69 15.77
C GLU B 157 -2.73 12.84 15.18
N ASN B 158 -2.88 12.76 13.86
CA ASN B 158 -3.62 13.71 13.06
C ASN B 158 -2.66 14.69 12.44
N ILE B 159 -1.45 14.21 12.22
CA ILE B 159 -0.42 15.01 11.56
C ILE B 159 -0.25 14.57 10.10
N LEU B 160 0.10 15.51 9.26
CA LEU B 160 0.33 15.37 7.84
C LEU B 160 1.66 15.93 7.33
N PHE B 161 2.62 15.05 7.00
CA PHE B 161 3.88 15.58 6.48
C PHE B 161 3.67 16.03 5.03
N GLY B 162 3.26 17.31 4.90
CA GLY B 162 3.02 17.95 3.65
C GLY B 162 4.20 17.85 2.69
N GLY B 163 5.41 18.03 3.19
CA GLY B 163 6.60 18.00 2.30
C GLY B 163 6.59 19.31 1.52
N CYS B 164 7.51 19.56 0.57
CA CYS B 164 7.54 20.81 -0.14
C CYS B 164 6.39 21.18 -1.07
N MET B 165 5.28 20.46 -1.19
CA MET B 165 4.22 20.94 -2.12
C MET B 165 3.70 22.25 -1.52
N LEU B 166 3.81 22.19 -0.16
CA LEU B 166 3.34 23.32 0.63
C LEU B 166 4.50 24.20 1.08
N LYS B 167 4.08 25.46 1.31
CA LYS B 167 4.99 26.48 1.76
C LYS B 167 4.49 27.00 3.10
N ASP B 168 5.41 27.45 3.90
CA ASP B 168 5.30 28.08 5.19
C ASP B 168 4.53 29.41 5.29
N ASN B 169 3.75 29.60 6.33
CA ASN B 169 2.94 30.73 6.63
C ASN B 169 3.64 32.08 6.53
N GLN B 170 4.91 32.07 6.17
CA GLN B 170 5.67 33.32 6.09
C GLN B 170 6.35 33.44 4.73
N THR B 171 5.90 32.68 3.75
CA THR B 171 6.54 32.75 2.41
C THR B 171 5.56 33.44 1.48
N THR B 172 6.14 34.14 0.52
CA THR B 172 5.26 34.93 -0.38
C THR B 172 5.47 34.67 -1.84
N SER B 173 6.38 33.74 -2.11
CA SER B 173 6.72 33.35 -3.48
C SER B 173 6.61 31.86 -3.71
N ILE B 174 6.72 31.48 -4.96
CA ILE B 174 6.66 30.05 -5.35
C ILE B 174 8.07 29.45 -5.30
N GLY B 175 9.03 30.25 -5.80
CA GLY B 175 10.42 29.89 -5.84
C GLY B 175 10.72 29.01 -7.05
N ASN B 176 11.00 27.72 -6.74
CA ASN B 176 11.31 26.73 -7.76
C ASN B 176 10.11 25.96 -8.28
N ILE B 177 9.94 26.21 -9.57
CA ILE B 177 8.90 25.68 -10.44
C ILE B 177 9.54 24.77 -11.49
N SER B 178 10.86 24.81 -11.53
CA SER B 178 11.72 24.10 -12.43
C SER B 178 11.33 22.66 -12.74
N ASP B 179 10.87 21.90 -11.75
CA ASP B 179 10.43 20.53 -11.93
C ASP B 179 8.97 20.37 -11.51
N ALA B 180 8.20 21.41 -11.65
CA ALA B 180 6.82 21.52 -11.34
C ALA B 180 5.83 21.41 -12.50
N ASP B 181 4.61 21.16 -12.07
CA ASP B 181 3.38 21.08 -12.87
C ASP B 181 2.61 22.19 -12.08
N VAL B 182 2.85 23.41 -12.64
CA VAL B 182 2.16 24.53 -11.95
C VAL B 182 0.65 24.41 -12.20
N THR B 183 0.38 23.91 -13.43
CA THR B 183 -0.99 23.74 -13.82
C THR B 183 -1.72 22.93 -12.72
N ALA B 184 -1.19 21.74 -12.53
CA ALA B 184 -1.65 20.79 -11.58
C ALA B 184 -1.53 21.07 -10.10
N TRP B 185 -0.93 22.12 -9.63
CA TRP B 185 -0.82 22.33 -8.18
C TRP B 185 -2.09 22.75 -7.45
N PRO B 186 -2.68 23.87 -7.80
CA PRO B 186 -3.86 24.36 -7.11
C PRO B 186 -4.94 23.29 -7.03
N LYS B 187 -4.80 22.33 -7.92
CA LYS B 187 -5.81 21.25 -8.03
C LYS B 187 -5.56 20.18 -6.98
N THR B 188 -4.23 19.99 -6.84
CA THR B 188 -3.70 19.00 -5.91
C THR B 188 -3.75 19.50 -4.50
N LEU B 189 -3.83 20.81 -4.35
CA LEU B 189 -3.92 21.42 -3.03
C LEU B 189 -5.29 21.45 -2.46
N ASP B 190 -6.39 21.46 -3.24
CA ASP B 190 -7.75 21.43 -2.66
C ASP B 190 -8.16 20.01 -2.25
N LYS B 191 -7.39 19.04 -2.76
CA LYS B 191 -7.63 17.62 -2.48
C LYS B 191 -6.94 17.34 -1.14
N VAL B 192 -5.84 18.11 -0.97
CA VAL B 192 -5.11 17.89 0.32
C VAL B 192 -5.94 18.46 1.43
N LYS B 193 -6.86 19.34 1.08
CA LYS B 193 -7.78 20.02 2.03
C LYS B 193 -9.03 19.16 2.11
N ALA B 194 -9.33 18.63 0.93
CA ALA B 194 -10.52 17.76 0.81
C ALA B 194 -10.47 16.50 1.63
N LYS B 195 -9.35 15.73 1.67
CA LYS B 195 -9.26 14.55 2.48
C LYS B 195 -8.53 14.64 3.82
N PHE B 196 -8.01 15.81 4.17
CA PHE B 196 -7.28 15.83 5.47
C PHE B 196 -7.82 16.89 6.42
N PRO B 197 -9.14 16.96 6.53
CA PRO B 197 -9.79 17.97 7.36
C PRO B 197 -9.18 18.15 8.74
N SER B 198 -9.11 17.05 9.50
CA SER B 198 -8.61 16.99 10.84
C SER B 198 -7.11 17.16 11.04
N ALA B 199 -6.36 17.81 10.13
CA ALA B 199 -4.91 17.91 10.42
C ALA B 199 -4.79 18.82 11.66
N ARG B 200 -3.86 18.52 12.56
CA ARG B 200 -3.72 19.37 13.76
C ARG B 200 -2.41 20.12 13.56
N TYR B 201 -1.58 19.52 12.73
CA TYR B 201 -0.35 20.10 12.31
C TYR B 201 -0.25 19.69 10.82
N VAL B 202 0.40 20.56 10.11
CA VAL B 202 0.69 20.42 8.69
C VAL B 202 2.18 20.81 8.64
N VAL B 203 2.96 20.06 7.88
CA VAL B 203 4.41 20.40 7.86
C VAL B 203 4.85 20.58 6.43
N PRO B 204 5.57 21.65 6.17
CA PRO B 204 6.06 21.96 4.83
C PRO B 204 7.49 21.47 4.67
N GLY B 205 8.01 21.57 3.44
CA GLY B 205 9.36 21.09 3.22
C GLY B 205 10.30 22.08 3.90
N HIS B 206 10.00 23.33 3.60
CA HIS B 206 10.79 24.43 4.19
C HIS B 206 9.99 25.22 5.18
N GLY B 207 10.54 25.82 6.23
CA GLY B 207 9.77 26.59 7.15
C GLY B 207 9.13 26.00 8.35
N ASN B 208 8.63 26.92 9.21
CA ASN B 208 7.98 26.51 10.46
C ASN B 208 6.70 25.75 10.17
N TYR B 209 6.32 24.74 10.97
CA TYR B 209 5.07 24.03 10.69
C TYR B 209 3.85 24.87 11.10
N GLY B 210 2.68 24.24 11.13
CA GLY B 210 1.45 24.90 11.50
C GLY B 210 0.22 24.05 11.19
N GLY B 211 -0.88 24.71 10.85
CA GLY B 211 -2.18 24.28 10.49
C GLY B 211 -2.55 24.10 9.04
N THR B 212 -3.86 24.01 8.70
CA THR B 212 -4.28 23.74 7.33
C THR B 212 -4.24 24.96 6.46
N GLU B 213 -4.33 26.12 7.09
CA GLU B 213 -4.25 27.44 6.51
C GLU B 213 -3.04 27.54 5.54
N LEU B 214 -2.13 26.60 5.83
CA LEU B 214 -0.88 26.36 5.17
C LEU B 214 -1.18 25.87 3.75
N ILE B 215 -2.38 25.26 3.65
CA ILE B 215 -2.81 24.82 2.32
C ILE B 215 -3.52 25.96 1.59
N GLU B 216 -4.12 26.94 2.29
CA GLU B 216 -4.78 28.01 1.53
C GLU B 216 -3.66 28.89 0.94
N HIS B 217 -2.94 29.38 1.95
CA HIS B 217 -1.74 30.15 1.77
C HIS B 217 -1.02 29.70 0.49
N THR B 218 -0.60 28.44 0.46
CA THR B 218 0.17 27.89 -0.66
C THR B 218 -0.54 27.93 -1.98
N LYS B 219 -1.84 27.75 -1.98
CA LYS B 219 -2.71 27.76 -3.14
C LYS B 219 -2.91 29.12 -3.77
N GLN B 220 -2.92 30.17 -2.94
CA GLN B 220 -3.13 31.53 -3.45
C GLN B 220 -1.80 32.22 -3.64
N ILE B 221 -0.75 31.48 -3.26
CA ILE B 221 0.62 32.00 -3.42
C ILE B 221 0.83 31.63 -4.91
N VAL B 222 0.42 30.38 -5.12
CA VAL B 222 0.54 29.70 -6.40
C VAL B 222 -0.56 30.12 -7.37
N ASN B 223 -1.76 30.37 -6.78
CA ASN B 223 -2.81 30.81 -7.74
C ASN B 223 -2.33 32.13 -8.30
N GLN B 224 -1.81 32.95 -7.38
CA GLN B 224 -1.23 34.22 -7.75
C GLN B 224 -0.26 34.03 -8.92
N TYR B 225 0.81 33.26 -8.78
CA TYR B 225 1.79 33.07 -9.86
C TYR B 225 1.16 32.87 -11.23
N ILE B 226 0.24 31.93 -11.30
CA ILE B 226 -0.52 31.53 -12.49
C ILE B 226 -1.24 32.66 -13.22
N GLU B 227 -2.03 33.46 -12.48
CA GLU B 227 -2.70 34.57 -13.17
C GLU B 227 -1.56 35.58 -13.45
N SER B 228 -0.54 35.44 -12.60
CA SER B 228 0.61 36.31 -12.71
C SER B 228 1.34 35.97 -14.02
N THR B 229 0.99 34.79 -14.57
CA THR B 229 1.64 34.54 -15.88
C THR B 229 0.54 34.18 -16.89
N SER B 230 -0.41 35.11 -16.98
CA SER B 230 -1.56 35.05 -17.86
C SER B 230 -1.70 36.31 -18.72
ZN ZN C . -1.05 -19.25 -6.88
ZN ZN D . -3.56 -20.59 -6.98
N1 061 E . -2.52 -22.69 -6.68
N2 061 E . -2.54 -23.43 -5.59
N3 061 E . -1.96 -24.55 -5.86
N4 061 E . -1.58 -24.61 -7.17
C5 061 E . -1.91 -23.36 -7.66
C6 061 E . -1.63 -23.05 -9.07
C7 061 E . -2.01 -23.99 -10.08
C8 061 E . -1.70 -23.75 -11.43
C9 061 E . -1.03 -22.59 -11.78
C10 061 E . -0.64 -21.66 -10.82
C11 061 E . -0.96 -21.90 -9.46
C12 061 E . -2.72 -25.21 -9.65
C13 061 E . -3.99 -25.52 -10.13
C14 061 E . -4.68 -26.64 -9.61
C15 061 E . -4.07 -27.39 -8.61
C16 061 E . -2.80 -27.05 -8.11
C17 061 E . -2.13 -25.91 -8.58
C18 061 E . -4.66 -28.63 -7.96
N19 061 E . -6.06 -29.00 -8.09
C20 061 E . -6.53 -29.56 -9.23
C21 061 E . -5.67 -29.73 -10.45
C22 061 E . -4.25 -30.18 -10.33
C23 061 E . -3.40 -29.88 -11.57
C24 061 E . -3.89 -30.76 -12.76
N25 061 E . -7.77 -29.95 -9.34
C26 061 E . -8.66 -29.86 -8.35
C27 061 E . -9.96 -30.36 -8.49
C28 061 E . -10.85 -30.22 -7.42
C29 061 E . -10.45 -29.64 -6.20
O30 061 E . -11.37 -29.56 -5.18
C31 061 E . -9.14 -29.17 -6.05
C32 061 E . -8.26 -29.27 -7.13
C33 061 E . -6.85 -28.83 -7.04
O34 061 E . -6.43 -28.34 -6.01
ZN ZN F . 11.61 19.89 -4.35
ZN ZN G . 11.90 21.43 -1.53
#